data_6IDA
#
_entry.id   6IDA
#
_cell.length_a   116.594
_cell.length_b   116.594
_cell.length_c   297.139
_cell.angle_alpha   90.00
_cell.angle_beta   90.00
_cell.angle_gamma   120.00
#
_symmetry.space_group_name_H-M   'H 3 2'
#
loop_
_entity.id
_entity.type
_entity.pdbx_description
1 polymer 'Hemagglutinin HA1 chain'
2 polymer 'Hemagglutinin HA2 chain'
3 non-polymer 2-acetamido-2-deoxy-beta-D-glucopyranose
#
loop_
_entity_poly.entity_id
_entity_poly.type
_entity_poly.pdbx_seq_one_letter_code
_entity_poly.pdbx_strand_id
1 'polypeptide(L)'
;DKICLGHHAVSNGTKVNTLTERGVEVVNATETVERTNIPRICSKGKRTVDLGQCGLLGTITGPPQCDQFLEFSADLIIER
REGSDVCYPGKFVNEEALRQILRESGGIDKEAMGFTYSGIRTNGATSSCRRSGSSFYAEMKWLLSNTDNAAFPQMTKSYK
NTRKSPALIVWGIHHSVSTAEQTKLYGSGNKLVTVGSSNYQQSFVPSPGARTQVNGQSGRIDFHWLMLNPNDTVTFSFNG
AFIAPDRASFLRGKSMGIQSGVQVDANCEGDCYHSGGTIISNLPFQNIDSRAVGKCPRYVKQRSLLLATGMKNVPEIPKG
R
;
A
2 'polypeptide(L)'
;GLFGAIAGFIENGWEGLIDGWYGFRHQNAQGEGTAADYKSTQSAIDQITGKLNRLIEKTNQQFELIDNEFNEVEKQIGNV
INWTRDSITEVWSYNAELLVAMENQHTIDLADSEMDKLYERVKRQLRENAEEDGTGCFEIFHKCDDDCMASIRNNTYDHS
KYREEAMQNRIQIDPVK
;
B
#
loop_
_chem_comp.id
_chem_comp.type
_chem_comp.name
_chem_comp.formula
NAG D-saccharide, beta linking 2-acetamido-2-deoxy-beta-D-glucopyranose 'C8 H15 N O6'
#
# COMPACT_ATOMS: atom_id res chain seq x y z
N ILE A 3 -5.55 18.34 53.29
CA ILE A 3 -5.11 18.57 51.92
C ILE A 3 -5.97 17.76 50.95
N CYS A 4 -6.34 18.38 49.82
CA CYS A 4 -7.11 17.73 48.78
C CYS A 4 -6.21 17.35 47.61
N LEU A 5 -6.69 16.40 46.81
CA LEU A 5 -5.95 15.95 45.63
C LEU A 5 -6.94 15.52 44.57
N GLY A 6 -6.70 15.96 43.33
CA GLY A 6 -7.60 15.67 42.23
C GLY A 6 -6.89 15.50 40.91
N HIS A 7 -7.64 15.57 39.81
CA HIS A 7 -7.10 15.43 38.47
C HIS A 7 -7.38 16.70 37.67
N HIS A 8 -6.77 16.78 36.49
CA HIS A 8 -6.93 17.94 35.64
C HIS A 8 -8.09 17.76 34.66
N ALA A 9 -8.45 18.84 33.99
CA ALA A 9 -9.54 18.82 33.02
C ALA A 9 -9.36 19.99 32.06
N VAL A 10 -10.23 20.03 31.04
CA VAL A 10 -10.23 21.10 30.06
C VAL A 10 -11.66 21.47 29.72
N SER A 11 -11.83 22.65 29.14
CA SER A 11 -13.16 23.14 28.78
C SER A 11 -13.69 22.45 27.53
N ASN A 12 -12.84 22.27 26.52
CA ASN A 12 -13.21 21.65 25.26
C ASN A 12 -12.46 20.32 25.15
N GLY A 13 -13.16 19.22 25.42
CA GLY A 13 -12.59 17.89 25.34
C GLY A 13 -12.70 17.29 23.95
N THR A 14 -12.41 16.00 23.87
CA THR A 14 -12.46 15.26 22.61
C THR A 14 -13.25 13.98 22.82
N LYS A 15 -14.29 13.76 22.01
CA LYS A 15 -15.14 12.60 22.17
C LYS A 15 -14.56 11.38 21.47
N VAL A 16 -14.60 10.24 22.16
CA VAL A 16 -14.13 8.96 21.64
C VAL A 16 -15.17 7.90 21.98
N ASN A 17 -14.93 6.68 21.51
CA ASN A 17 -15.80 5.55 21.78
C ASN A 17 -15.02 4.48 22.55
N THR A 18 -15.72 3.77 23.43
CA THR A 18 -15.13 2.72 24.24
C THR A 18 -15.98 1.45 24.11
N LEU A 19 -15.58 0.42 24.86
CA LEU A 19 -16.40 -0.79 24.94
C LEU A 19 -17.75 -0.50 25.58
N THR A 20 -17.78 0.41 26.55
CA THR A 20 -18.96 0.69 27.36
C THR A 20 -19.85 1.76 26.76
N GLU A 21 -19.28 2.91 26.41
CA GLU A 21 -20.05 4.05 25.93
C GLU A 21 -19.63 4.44 24.52
N ARG A 22 -20.37 5.40 23.96
CA ARG A 22 -20.08 5.95 22.64
C ARG A 22 -20.21 7.46 22.74
N GLY A 23 -19.07 8.15 22.87
CA GLY A 23 -19.08 9.59 22.99
C GLY A 23 -18.51 10.09 24.30
N VAL A 24 -17.61 9.31 24.90
CA VAL A 24 -16.97 9.72 26.14
C VAL A 24 -16.02 10.87 25.86
N GLU A 25 -16.08 11.92 26.66
CA GLU A 25 -15.23 13.09 26.50
C GLU A 25 -13.93 12.86 27.28
N VAL A 26 -12.81 12.92 26.58
CA VAL A 26 -11.49 12.74 27.17
C VAL A 26 -10.67 14.01 26.96
N VAL A 27 -9.51 14.06 27.61
CA VAL A 27 -8.66 15.24 27.56
C VAL A 27 -8.06 15.41 26.18
N ASN A 28 -7.28 14.43 25.73
CA ASN A 28 -6.61 14.48 24.45
C ASN A 28 -6.83 13.18 23.69
N ALA A 29 -6.86 13.28 22.36
CA ALA A 29 -7.03 12.12 21.51
C ALA A 29 -6.23 12.31 20.23
N THR A 30 -5.93 11.20 19.57
CA THR A 30 -5.19 11.21 18.31
C THR A 30 -5.91 10.34 17.30
N GLU A 31 -5.56 10.52 16.02
CA GLU A 31 -6.20 9.81 14.94
C GLU A 31 -5.49 8.49 14.64
N THR A 32 -6.26 7.50 14.20
CA THR A 32 -5.72 6.21 13.79
C THR A 32 -6.03 5.86 12.34
N VAL A 33 -6.82 6.68 11.65
CA VAL A 33 -7.19 6.44 10.25
C VAL A 33 -6.68 7.61 9.43
N GLU A 34 -5.70 7.35 8.57
CA GLU A 34 -5.11 8.39 7.75
C GLU A 34 -6.06 8.75 6.60
N ARG A 35 -6.32 10.05 6.44
CA ARG A 35 -7.12 10.55 5.34
C ARG A 35 -6.37 11.51 4.43
N THR A 36 -5.22 12.02 4.86
CA THR A 36 -4.45 12.96 4.04
C THR A 36 -3.73 12.22 2.93
N ASN A 37 -3.78 12.78 1.73
CA ASN A 37 -3.14 12.22 0.56
C ASN A 37 -2.21 13.24 -0.08
N ILE A 38 -1.11 12.74 -0.63
CA ILE A 38 -0.17 13.54 -1.42
C ILE A 38 -0.43 13.24 -2.89
N PRO A 39 -1.02 14.17 -3.67
CA PRO A 39 -1.42 13.94 -5.06
C PRO A 39 -0.25 13.86 -6.04
N ARG A 40 0.83 13.18 -5.64
CA ARG A 40 1.99 12.97 -6.50
C ARG A 40 2.56 11.59 -6.22
N ILE A 41 3.30 11.07 -7.19
CA ILE A 41 3.99 9.79 -7.05
C ILE A 41 5.36 10.11 -6.45
N CYS A 42 5.45 10.03 -5.12
CA CYS A 42 6.69 10.31 -4.41
C CYS A 42 7.73 9.25 -4.76
N SER A 43 8.72 9.64 -5.56
CA SER A 43 9.72 8.72 -6.09
C SER A 43 11.13 9.06 -5.64
N LYS A 44 11.28 9.77 -4.51
CA LYS A 44 12.59 10.15 -4.03
C LYS A 44 13.43 8.92 -3.71
N GLY A 45 14.65 8.87 -4.23
CA GLY A 45 15.57 7.79 -3.97
C GLY A 45 15.34 6.52 -4.74
N LYS A 46 14.29 6.46 -5.58
CA LYS A 46 13.97 5.27 -6.36
C LYS A 46 14.27 5.49 -7.83
N ARG A 47 14.59 4.40 -8.52
CA ARG A 47 14.75 4.42 -9.97
C ARG A 47 13.38 4.28 -10.61
N THR A 48 12.86 5.37 -11.16
CA THR A 48 11.51 5.42 -11.71
C THR A 48 11.56 5.39 -13.23
N VAL A 49 10.62 4.67 -13.83
CA VAL A 49 10.44 4.64 -15.28
C VAL A 49 8.97 4.96 -15.56
N ASP A 50 8.72 6.16 -16.09
CA ASP A 50 7.37 6.59 -16.45
C ASP A 50 7.13 6.22 -17.92
N LEU A 51 6.29 5.23 -18.16
CA LEU A 51 6.11 4.69 -19.50
C LEU A 51 5.39 5.66 -20.42
N GLY A 52 4.53 6.51 -19.86
CA GLY A 52 3.88 7.52 -20.68
C GLY A 52 2.96 6.88 -21.69
N GLN A 53 3.18 7.19 -22.98
CA GLN A 53 2.39 6.66 -24.06
C GLN A 53 2.77 5.24 -24.45
N CYS A 54 3.77 4.65 -23.80
CA CYS A 54 4.22 3.30 -24.10
C CYS A 54 3.54 2.34 -23.13
N GLY A 55 2.80 1.37 -23.68
CA GLY A 55 2.24 0.32 -22.85
C GLY A 55 3.32 -0.59 -22.31
N LEU A 56 3.02 -1.23 -21.18
CA LEU A 56 3.99 -2.10 -20.53
C LEU A 56 4.39 -3.25 -21.45
N LEU A 57 3.40 -4.03 -21.90
CA LEU A 57 3.68 -5.16 -22.78
C LEU A 57 4.38 -4.73 -24.05
N GLY A 58 4.14 -3.50 -24.51
CA GLY A 58 4.81 -3.00 -25.69
C GLY A 58 6.33 -3.03 -25.57
N THR A 59 6.84 -2.85 -24.35
CA THR A 59 8.29 -2.89 -24.15
C THR A 59 8.89 -4.23 -24.56
N ILE A 60 8.07 -5.27 -24.68
CA ILE A 60 8.57 -6.55 -25.16
C ILE A 60 8.52 -6.66 -26.69
N THR A 61 7.51 -6.07 -27.32
CA THR A 61 7.37 -6.16 -28.76
C THR A 61 8.05 -5.00 -29.48
N GLY A 62 7.87 -3.78 -29.00
CA GLY A 62 8.57 -2.63 -29.51
C GLY A 62 7.85 -1.88 -30.61
N PRO A 63 6.68 -1.33 -30.32
CA PRO A 63 6.09 -0.34 -31.22
C PRO A 63 6.86 0.97 -31.15
N PRO A 64 6.64 1.90 -32.08
CA PRO A 64 7.41 3.15 -32.04
C PRO A 64 7.41 3.84 -30.69
N GLN A 65 6.25 4.01 -30.06
CA GLN A 65 6.16 4.73 -28.80
C GLN A 65 6.92 4.05 -27.67
N CYS A 66 7.44 2.85 -27.88
CA CYS A 66 8.22 2.14 -26.87
C CYS A 66 9.70 1.99 -27.25
N ASP A 67 10.15 2.70 -28.30
CA ASP A 67 11.54 2.56 -28.73
C ASP A 67 12.51 2.96 -27.64
N GLN A 68 12.14 3.91 -26.77
CA GLN A 68 12.98 4.33 -25.68
C GLN A 68 12.72 3.55 -24.40
N PHE A 69 12.11 2.36 -24.50
CA PHE A 69 11.84 1.54 -23.34
C PHE A 69 12.14 0.05 -23.59
N LEU A 70 12.94 -0.26 -24.60
CA LEU A 70 13.17 -1.66 -24.95
C LEU A 70 14.08 -2.38 -23.95
N GLU A 71 14.87 -1.64 -23.17
CA GLU A 71 15.77 -2.21 -22.16
C GLU A 71 15.82 -1.27 -20.95
N PHE A 72 14.70 -1.10 -20.27
CA PHE A 72 14.65 -0.22 -19.12
C PHE A 72 15.06 -0.97 -17.85
N SER A 73 15.32 -0.19 -16.80
CA SER A 73 15.70 -0.74 -15.50
C SER A 73 15.10 0.17 -14.42
N ALA A 74 14.29 -0.41 -13.53
CA ALA A 74 13.55 0.43 -12.60
C ALA A 74 13.38 -0.27 -11.26
N ASP A 75 13.20 0.54 -10.22
CA ASP A 75 12.64 0.08 -8.95
C ASP A 75 11.16 0.40 -8.83
N LEU A 76 10.67 1.38 -9.60
CA LEU A 76 9.27 1.76 -9.62
C LEU A 76 8.86 1.95 -11.07
N ILE A 77 7.85 1.20 -11.51
CA ILE A 77 7.33 1.26 -12.86
C ILE A 77 5.94 1.88 -12.83
N ILE A 78 5.74 2.94 -13.60
CA ILE A 78 4.47 3.66 -13.64
C ILE A 78 3.83 3.43 -15.00
N GLU A 79 2.62 2.86 -14.98
CA GLU A 79 1.80 2.77 -16.17
C GLU A 79 0.94 4.03 -16.29
N ARG A 80 0.65 4.42 -17.52
CA ARG A 80 -0.18 5.57 -17.80
C ARG A 80 -1.39 5.15 -18.64
N ARG A 81 -2.49 5.88 -18.48
CA ARG A 81 -3.70 5.56 -19.21
C ARG A 81 -3.54 5.77 -20.70
N GLU A 82 -2.72 6.74 -21.11
CA GLU A 82 -2.48 6.98 -22.52
C GLU A 82 -1.53 5.96 -23.15
N GLY A 83 -1.03 5.00 -22.37
CA GLY A 83 -0.10 4.03 -22.91
C GLY A 83 -0.79 3.04 -23.84
N SER A 84 -0.09 2.66 -24.90
CA SER A 84 -0.60 1.74 -25.90
C SER A 84 0.39 0.60 -26.09
N ASP A 85 -0.10 -0.64 -26.00
CA ASP A 85 0.76 -1.80 -26.14
C ASP A 85 1.06 -2.16 -27.58
N VAL A 86 0.32 -1.62 -28.54
CA VAL A 86 0.41 -2.04 -29.94
C VAL A 86 0.36 -0.82 -30.85
N CYS A 87 0.99 -0.96 -32.02
CA CYS A 87 0.84 -0.02 -33.13
C CYS A 87 -0.04 -0.59 -34.23
N TYR A 88 0.24 -1.80 -34.68
CA TYR A 88 -0.71 -2.54 -35.50
C TYR A 88 -1.78 -3.16 -34.60
N PRO A 89 -3.05 -3.08 -34.98
CA PRO A 89 -4.12 -3.56 -34.10
C PRO A 89 -3.95 -5.03 -33.74
N GLY A 90 -3.89 -5.30 -32.44
CA GLY A 90 -3.70 -6.65 -31.95
C GLY A 90 -3.96 -6.70 -30.46
N LYS A 91 -3.76 -7.89 -29.90
CA LYS A 91 -4.04 -8.12 -28.49
C LYS A 91 -3.10 -9.20 -27.96
N PHE A 92 -2.92 -9.21 -26.64
CA PHE A 92 -2.06 -10.15 -25.96
C PHE A 92 -2.91 -11.20 -25.25
N VAL A 93 -2.59 -12.48 -25.49
CA VAL A 93 -3.23 -13.58 -24.78
C VAL A 93 -2.60 -13.67 -23.39
N ASN A 94 -3.45 -13.79 -22.36
CA ASN A 94 -3.00 -13.75 -20.98
C ASN A 94 -2.21 -12.47 -20.70
N GLU A 95 -2.81 -11.34 -21.05
CA GLU A 95 -2.09 -10.07 -20.98
C GLU A 95 -1.84 -9.65 -19.54
N GLU A 96 -2.84 -9.80 -18.66
CA GLU A 96 -2.69 -9.33 -17.29
C GLU A 96 -1.64 -10.11 -16.53
N ALA A 97 -1.52 -11.41 -16.80
CA ALA A 97 -0.47 -12.19 -16.15
C ALA A 97 0.92 -11.70 -16.56
N LEU A 98 1.11 -11.45 -17.86
CA LEU A 98 2.40 -10.94 -18.33
C LEU A 98 2.67 -9.55 -17.76
N ARG A 99 1.62 -8.73 -17.61
CA ARG A 99 1.78 -7.42 -17.00
C ARG A 99 2.26 -7.57 -15.56
N GLN A 100 1.60 -8.42 -14.77
CA GLN A 100 2.01 -8.62 -13.40
C GLN A 100 3.41 -9.21 -13.30
N ILE A 101 3.83 -9.98 -14.30
CA ILE A 101 5.21 -10.46 -14.35
C ILE A 101 6.16 -9.30 -14.56
N LEU A 102 5.86 -8.43 -15.53
CA LEU A 102 6.76 -7.35 -15.90
C LEU A 102 6.81 -6.23 -14.85
N ARG A 103 5.77 -6.08 -14.03
CA ARG A 103 5.76 -5.00 -13.06
C ARG A 103 6.82 -5.20 -11.99
N GLU A 104 6.99 -6.44 -11.50
CA GLU A 104 7.97 -6.74 -10.47
C GLU A 104 9.26 -7.32 -11.04
N SER A 105 9.54 -7.07 -12.32
CA SER A 105 10.74 -7.61 -12.94
C SER A 105 11.99 -6.75 -12.72
N GLY A 106 11.81 -5.49 -12.32
CA GLY A 106 12.95 -4.61 -12.18
C GLY A 106 13.57 -4.18 -13.49
N GLY A 107 12.84 -4.27 -14.58
CA GLY A 107 13.36 -3.98 -15.91
C GLY A 107 13.58 -5.26 -16.70
N ILE A 108 13.93 -5.06 -17.97
CA ILE A 108 14.13 -6.15 -18.91
C ILE A 108 15.49 -6.03 -19.58
N ASP A 109 15.95 -7.13 -20.15
CA ASP A 109 17.26 -7.22 -20.80
C ASP A 109 17.09 -8.10 -22.04
N LYS A 110 17.24 -7.50 -23.21
CA LYS A 110 17.03 -8.23 -24.45
C LYS A 110 18.29 -8.99 -24.86
N GLU A 111 18.09 -10.02 -25.67
CA GLU A 111 19.19 -10.80 -26.23
C GLU A 111 18.73 -11.42 -27.54
N ALA A 112 19.53 -11.26 -28.59
CA ALA A 112 19.15 -11.78 -29.90
C ALA A 112 19.02 -13.29 -29.86
N MET A 113 17.96 -13.81 -30.48
CA MET A 113 17.71 -15.24 -30.53
C MET A 113 18.43 -15.93 -31.69
N GLY A 114 18.86 -15.17 -32.70
CA GLY A 114 19.65 -15.72 -33.78
C GLY A 114 18.87 -16.60 -34.74
N PHE A 115 17.79 -16.08 -35.31
CA PHE A 115 17.00 -16.80 -36.31
C PHE A 115 17.38 -16.30 -37.69
N THR A 116 17.92 -17.19 -38.52
CA THR A 116 18.25 -16.88 -39.90
C THR A 116 17.32 -17.66 -40.82
N TYR A 117 16.80 -16.97 -41.84
CA TYR A 117 15.79 -17.53 -42.73
C TYR A 117 16.36 -17.67 -44.14
N SER A 118 16.08 -18.80 -44.77
CA SER A 118 16.56 -19.10 -46.12
C SER A 118 15.38 -19.46 -47.00
N GLY A 119 15.03 -18.56 -47.92
CA GLY A 119 13.99 -18.80 -48.87
C GLY A 119 12.67 -18.07 -48.65
N ILE A 120 12.65 -17.02 -47.84
CA ILE A 120 11.46 -16.21 -47.59
C ILE A 120 11.87 -14.75 -47.44
N ARG A 121 10.88 -13.87 -47.40
CA ARG A 121 11.10 -12.47 -47.12
C ARG A 121 10.93 -12.20 -45.63
N THR A 122 11.41 -11.03 -45.17
CA THR A 122 11.47 -10.79 -43.74
C THR A 122 11.48 -9.31 -43.36
N ASN A 123 10.84 -8.46 -44.17
CA ASN A 123 10.80 -7.03 -43.88
C ASN A 123 9.38 -6.49 -44.11
N GLY A 124 8.41 -7.05 -43.38
CA GLY A 124 7.05 -6.55 -43.46
C GLY A 124 6.89 -5.23 -42.73
N ALA A 125 5.95 -4.43 -43.21
CA ALA A 125 5.70 -3.12 -42.62
C ALA A 125 4.23 -2.75 -42.85
N THR A 126 3.81 -1.66 -42.22
CA THR A 126 2.44 -1.18 -42.36
C THR A 126 2.42 0.31 -42.08
N SER A 127 1.30 0.94 -42.46
CA SER A 127 1.16 2.39 -42.34
C SER A 127 0.96 2.84 -40.90
N SER A 128 0.58 1.94 -40.00
CA SER A 128 0.29 2.31 -38.62
C SER A 128 1.58 2.42 -37.80
N CYS A 129 2.35 1.34 -37.75
CA CYS A 129 3.65 1.36 -37.07
C CYS A 129 4.61 2.24 -37.86
N ARG A 130 4.61 3.54 -37.56
CA ARG A 130 5.27 4.54 -38.39
C ARG A 130 6.54 5.04 -37.71
N ARG A 131 7.63 5.14 -38.49
CA ARG A 131 8.86 5.77 -38.04
C ARG A 131 9.29 6.79 -39.09
N SER A 132 10.37 6.50 -39.82
CA SER A 132 10.69 7.29 -41.00
C SER A 132 9.58 7.17 -42.03
N GLY A 133 9.22 5.95 -42.39
CA GLY A 133 8.07 5.68 -43.22
C GLY A 133 7.21 4.59 -42.60
N SER A 134 6.89 3.55 -43.37
CA SER A 134 6.16 2.41 -42.84
C SER A 134 7.13 1.44 -42.18
N SER A 135 6.96 1.23 -40.89
CA SER A 135 7.86 0.34 -40.15
C SER A 135 7.08 -0.82 -39.53
N PHE A 136 7.59 -1.36 -38.41
CA PHE A 136 6.98 -2.51 -37.77
C PHE A 136 7.49 -2.56 -36.32
N TYR A 137 7.02 -3.57 -35.58
CA TYR A 137 7.51 -3.78 -34.22
C TYR A 137 9.02 -3.99 -34.22
N ALA A 138 9.71 -3.30 -33.31
CA ALA A 138 11.17 -3.30 -33.32
C ALA A 138 11.72 -4.70 -33.04
N GLU A 139 11.22 -5.36 -32.01
CA GLU A 139 11.73 -6.66 -31.61
C GLU A 139 11.12 -7.82 -32.41
N MET A 140 10.33 -7.53 -33.44
CA MET A 140 9.62 -8.56 -34.18
C MET A 140 9.97 -8.47 -35.67
N LYS A 141 9.69 -9.56 -36.39
CA LYS A 141 9.92 -9.63 -37.83
C LYS A 141 8.70 -10.24 -38.49
N TRP A 142 8.10 -9.52 -39.43
CA TRP A 142 6.91 -9.99 -40.14
C TRP A 142 7.35 -10.98 -41.22
N LEU A 143 7.08 -12.27 -41.00
CA LEU A 143 7.51 -13.30 -41.93
C LEU A 143 6.47 -13.47 -43.03
N LEU A 144 6.89 -13.22 -44.27
CA LEU A 144 6.03 -13.29 -45.45
C LEU A 144 6.61 -14.31 -46.43
N SER A 145 6.01 -14.35 -47.63
CA SER A 145 6.50 -15.17 -48.73
C SER A 145 7.27 -14.30 -49.72
N ASN A 146 8.15 -14.94 -50.48
CA ASN A 146 9.08 -14.20 -51.34
C ASN A 146 8.34 -13.36 -52.37
N THR A 147 7.61 -14.02 -53.28
CA THR A 147 6.93 -13.31 -54.35
C THR A 147 5.50 -12.94 -53.92
N ASP A 148 5.01 -11.83 -54.45
CA ASP A 148 3.67 -11.33 -54.15
C ASP A 148 3.34 -12.73 -54.66
N ASN A 149 2.55 -13.41 -53.87
CA ASN A 149 1.71 -14.60 -54.09
C ASN A 149 2.01 -16.08 -54.19
N ALA A 150 3.08 -16.52 -53.52
CA ALA A 150 3.84 -17.72 -53.79
C ALA A 150 3.33 -18.75 -52.80
N ALA A 151 4.24 -19.51 -52.21
CA ALA A 151 3.90 -20.45 -51.15
C ALA A 151 4.86 -20.20 -50.00
N PHE A 152 4.53 -20.78 -48.85
CA PHE A 152 5.41 -20.66 -47.69
C PHE A 152 6.03 -22.01 -47.39
N PRO A 153 7.35 -22.14 -47.42
CA PRO A 153 7.98 -23.44 -47.11
C PRO A 153 7.83 -23.76 -45.62
N GLN A 154 7.44 -25.00 -45.34
CA GLN A 154 7.29 -25.46 -43.95
C GLN A 154 8.60 -25.27 -43.20
N MET A 155 8.69 -24.23 -42.39
CA MET A 155 9.93 -23.84 -41.74
C MET A 155 9.91 -24.20 -40.26
N THR A 156 11.10 -24.46 -39.72
CA THR A 156 11.27 -24.85 -38.33
C THR A 156 12.47 -24.14 -37.75
N LYS A 157 12.25 -23.40 -36.66
CA LYS A 157 13.32 -22.69 -35.95
C LYS A 157 13.30 -23.11 -34.49
N SER A 158 14.36 -22.76 -33.77
CA SER A 158 14.50 -23.19 -32.39
C SER A 158 15.53 -22.31 -31.69
N TYR A 159 15.33 -22.12 -30.39
CA TYR A 159 16.25 -21.31 -29.58
C TYR A 159 16.36 -21.92 -28.19
N LYS A 160 17.59 -22.05 -27.71
CA LYS A 160 17.86 -22.57 -26.38
C LYS A 160 18.28 -21.44 -25.45
N ASN A 161 17.68 -21.39 -24.27
CA ASN A 161 18.05 -20.41 -23.26
C ASN A 161 19.39 -20.80 -22.65
N THR A 162 20.43 -20.02 -22.92
CA THR A 162 21.78 -20.32 -22.48
C THR A 162 22.15 -19.59 -21.20
N ARG A 163 21.18 -19.16 -20.41
CA ARG A 163 21.42 -18.35 -19.22
C ARG A 163 20.78 -19.01 -18.00
N LYS A 164 20.87 -18.33 -16.86
CA LYS A 164 20.48 -18.90 -15.58
C LYS A 164 19.08 -18.48 -15.12
N SER A 165 18.44 -17.57 -15.81
CA SER A 165 17.09 -17.13 -15.49
C SER A 165 16.14 -17.45 -16.64
N PRO A 166 14.85 -17.59 -16.37
CA PRO A 166 13.90 -17.88 -17.45
C PRO A 166 13.83 -16.74 -18.48
N ALA A 167 13.79 -17.12 -19.75
CA ALA A 167 13.69 -16.17 -20.84
C ALA A 167 12.23 -15.96 -21.22
N LEU A 168 11.94 -14.79 -21.79
CA LEU A 168 10.60 -14.43 -22.22
C LEU A 168 10.52 -14.50 -23.74
N ILE A 169 9.70 -15.41 -24.25
CA ILE A 169 9.55 -15.63 -25.69
C ILE A 169 8.17 -15.15 -26.11
N VAL A 170 8.12 -14.29 -27.13
CA VAL A 170 6.87 -13.70 -27.60
C VAL A 170 6.84 -13.81 -29.12
N TRP A 171 5.79 -14.43 -29.65
CA TRP A 171 5.58 -14.53 -31.08
C TRP A 171 4.17 -14.02 -31.42
N GLY A 172 3.88 -13.93 -32.71
CA GLY A 172 2.61 -13.41 -33.16
C GLY A 172 2.00 -14.27 -34.25
N ILE A 173 0.68 -14.13 -34.38
CA ILE A 173 -0.11 -14.81 -35.40
C ILE A 173 -0.91 -13.75 -36.14
N HIS A 174 -0.72 -13.66 -37.45
CA HIS A 174 -1.40 -12.64 -38.24
C HIS A 174 -2.77 -13.15 -38.67
N HIS A 175 -3.78 -12.32 -38.42
CA HIS A 175 -5.15 -12.58 -38.88
C HIS A 175 -5.46 -11.51 -39.93
N SER A 176 -5.33 -11.90 -41.19
CA SER A 176 -5.45 -10.94 -42.29
C SER A 176 -6.91 -10.53 -42.50
N VAL A 177 -7.10 -9.48 -43.29
CA VAL A 177 -8.42 -8.91 -43.50
C VAL A 177 -9.33 -9.89 -44.24
N SER A 178 -8.75 -10.77 -45.07
CA SER A 178 -9.54 -11.72 -45.85
C SER A 178 -8.70 -12.96 -46.08
N THR A 179 -9.34 -13.97 -46.68
CA THR A 179 -8.60 -15.16 -47.08
C THR A 179 -7.80 -14.94 -48.36
N ALA A 180 -8.27 -14.03 -49.23
CA ALA A 180 -7.49 -13.69 -50.43
C ALA A 180 -6.23 -12.94 -50.05
N GLU A 181 -6.30 -12.08 -49.04
CA GLU A 181 -5.10 -11.37 -48.58
C GLU A 181 -4.15 -12.31 -47.84
N GLN A 182 -4.70 -13.30 -47.13
CA GLN A 182 -3.85 -14.30 -46.48
C GLN A 182 -3.13 -15.16 -47.52
N THR A 183 -3.83 -15.55 -48.58
CA THR A 183 -3.18 -16.27 -49.67
C THR A 183 -2.20 -15.38 -50.42
N LYS A 184 -2.44 -14.07 -50.42
CA LYS A 184 -1.51 -13.15 -51.06
C LYS A 184 -0.21 -13.04 -50.27
N LEU A 185 -0.31 -12.92 -48.94
CA LEU A 185 0.88 -12.74 -48.13
C LEU A 185 1.64 -14.04 -47.92
N TYR A 186 0.93 -15.13 -47.63
CA TYR A 186 1.58 -16.37 -47.21
C TYR A 186 1.28 -17.55 -48.12
N GLY A 187 0.53 -17.38 -49.19
CA GLY A 187 0.16 -18.47 -50.05
C GLY A 187 -1.06 -19.22 -49.53
N SER A 188 -1.69 -19.96 -50.45
CA SER A 188 -2.89 -20.70 -50.11
C SER A 188 -2.56 -21.92 -49.26
N GLY A 189 -3.59 -22.64 -48.85
CA GLY A 189 -3.43 -23.81 -48.02
C GLY A 189 -3.47 -23.50 -46.53
N ASN A 190 -3.67 -24.54 -45.74
CA ASN A 190 -3.73 -24.38 -44.29
C ASN A 190 -2.36 -24.01 -43.74
N LYS A 191 -2.35 -23.12 -42.75
CA LYS A 191 -1.13 -22.64 -42.11
C LYS A 191 -1.19 -22.99 -40.63
N LEU A 192 -0.18 -23.71 -40.15
CA LEU A 192 -0.14 -24.21 -38.78
C LEU A 192 1.11 -23.69 -38.07
N VAL A 193 0.92 -23.12 -36.90
CA VAL A 193 2.00 -22.57 -36.08
C VAL A 193 2.07 -23.39 -34.79
N THR A 194 3.13 -24.18 -34.66
CA THR A 194 3.35 -25.08 -33.53
C THR A 194 4.45 -24.52 -32.65
N VAL A 195 4.23 -24.53 -31.35
CA VAL A 195 5.22 -24.05 -30.38
C VAL A 195 5.35 -25.08 -29.29
N GLY A 196 6.56 -25.59 -29.08
CA GLY A 196 6.78 -26.66 -28.12
C GLY A 196 8.04 -26.43 -27.30
N SER A 197 8.02 -26.97 -26.09
CA SER A 197 9.19 -26.91 -25.20
C SER A 197 9.08 -28.05 -24.19
N SER A 198 9.57 -27.82 -22.98
CA SER A 198 9.49 -28.82 -21.91
C SER A 198 8.25 -28.67 -21.06
N ASN A 199 7.74 -27.46 -20.90
CA ASN A 199 6.49 -27.22 -20.19
C ASN A 199 5.37 -26.82 -21.13
N TYR A 200 5.63 -26.73 -22.43
CA TYR A 200 4.70 -26.14 -23.37
C TYR A 200 4.34 -27.15 -24.45
N GLN A 201 3.05 -27.26 -24.72
CA GLN A 201 2.50 -27.68 -26.00
C GLN A 201 1.83 -26.46 -26.59
N GLN A 202 1.26 -26.65 -27.76
CA GLN A 202 0.47 -25.62 -28.34
C GLN A 202 0.80 -25.70 -29.77
N SER A 203 -0.09 -25.09 -30.54
CA SER A 203 0.12 -24.81 -31.92
C SER A 203 -1.05 -23.93 -32.19
N PHE A 204 -0.92 -23.12 -33.22
CA PHE A 204 -1.95 -22.18 -33.59
C PHE A 204 -2.00 -22.05 -35.09
N VAL A 205 -3.08 -21.45 -35.56
CA VAL A 205 -3.29 -21.17 -36.96
C VAL A 205 -4.16 -19.95 -37.03
N PRO A 206 -4.18 -19.29 -38.17
CA PRO A 206 -4.94 -18.03 -38.27
C PRO A 206 -6.43 -18.07 -38.50
N SER A 207 -7.04 -16.94 -38.23
CA SER A 207 -8.49 -16.80 -38.40
C SER A 207 -8.74 -15.52 -39.20
N PRO A 208 -8.57 -15.58 -40.52
CA PRO A 208 -8.75 -14.37 -41.34
C PRO A 208 -10.22 -13.96 -41.41
N GLY A 209 -10.41 -12.68 -41.68
CA GLY A 209 -11.74 -12.10 -41.74
C GLY A 209 -11.69 -10.62 -41.38
N ALA A 210 -12.80 -9.95 -41.65
CA ALA A 210 -12.89 -8.52 -41.42
C ALA A 210 -13.16 -8.22 -39.95
N ARG A 211 -12.49 -7.18 -39.43
CA ARG A 211 -12.71 -6.69 -38.08
C ARG A 211 -12.95 -5.19 -38.15
N THR A 212 -13.14 -4.57 -36.98
CA THR A 212 -13.30 -3.13 -36.91
C THR A 212 -12.00 -2.44 -37.27
N GLN A 213 -12.11 -1.31 -37.96
CA GLN A 213 -10.93 -0.55 -38.39
C GLN A 213 -10.35 0.18 -37.18
N VAL A 214 -9.28 -0.37 -36.63
CA VAL A 214 -8.54 0.23 -35.52
C VAL A 214 -7.16 0.61 -36.01
N ASN A 215 -6.78 1.86 -35.79
CA ASN A 215 -5.52 2.43 -36.30
C ASN A 215 -5.42 2.38 -37.82
N GLY A 216 -6.56 2.26 -38.50
CA GLY A 216 -6.62 2.25 -39.95
C GLY A 216 -6.77 0.88 -40.57
N GLN A 217 -6.26 -0.15 -39.92
CA GLN A 217 -6.27 -1.51 -40.45
C GLN A 217 -7.38 -2.34 -39.84
N SER A 218 -7.75 -3.41 -40.54
CA SER A 218 -8.75 -4.35 -40.07
C SER A 218 -8.20 -5.71 -39.68
N GLY A 219 -6.99 -6.05 -40.13
CA GLY A 219 -6.35 -7.26 -39.67
C GLY A 219 -5.83 -7.13 -38.24
N ARG A 220 -5.69 -8.27 -37.59
CA ARG A 220 -5.25 -8.32 -36.20
C ARG A 220 -3.97 -9.15 -36.08
N ILE A 221 -3.37 -9.10 -34.91
CA ILE A 221 -2.19 -9.91 -34.60
C ILE A 221 -2.33 -10.42 -33.17
N ASP A 222 -2.38 -11.75 -33.02
CA ASP A 222 -2.34 -12.36 -31.71
C ASP A 222 -0.91 -12.39 -31.20
N PHE A 223 -0.71 -11.97 -29.96
CA PHE A 223 0.60 -12.00 -29.33
C PHE A 223 0.59 -13.07 -28.24
N HIS A 224 1.41 -14.10 -28.42
CA HIS A 224 1.55 -15.18 -27.46
C HIS A 224 2.94 -15.17 -26.87
N TRP A 225 3.07 -15.79 -25.69
CA TRP A 225 4.32 -15.74 -24.95
C TRP A 225 4.44 -16.95 -24.04
N LEU A 226 5.68 -17.37 -23.80
CA LEU A 226 6.00 -18.39 -22.81
C LEU A 226 7.34 -18.01 -22.17
N MET A 227 7.72 -18.78 -21.14
CA MET A 227 8.97 -18.54 -20.41
C MET A 227 9.83 -19.79 -20.50
N LEU A 228 10.97 -19.68 -21.18
CA LEU A 228 11.91 -20.79 -21.30
C LEU A 228 12.74 -20.93 -20.04
N ASN A 229 12.74 -22.13 -19.47
CA ASN A 229 13.57 -22.41 -18.32
C ASN A 229 15.04 -22.50 -18.75
N PRO A 230 15.98 -22.33 -17.82
CA PRO A 230 17.40 -22.46 -18.18
C PRO A 230 17.72 -23.84 -18.75
N ASN A 231 18.57 -23.85 -19.77
CA ASN A 231 18.97 -25.06 -20.49
C ASN A 231 17.80 -25.78 -21.15
N ASP A 232 16.68 -25.09 -21.33
CA ASP A 232 15.53 -25.62 -22.05
C ASP A 232 15.42 -24.95 -23.41
N THR A 233 14.96 -25.70 -24.39
CA THR A 233 14.87 -25.24 -25.77
C THR A 233 13.42 -25.02 -26.16
N VAL A 234 13.19 -24.08 -27.07
CA VAL A 234 11.87 -23.79 -27.61
C VAL A 234 11.91 -24.01 -29.12
N THR A 235 10.84 -24.60 -29.64
CA THR A 235 10.77 -25.00 -31.05
C THR A 235 9.52 -24.42 -31.69
N PHE A 236 9.70 -23.79 -32.85
CA PHE A 236 8.62 -23.19 -33.64
C PHE A 236 8.57 -23.89 -34.98
N SER A 237 7.47 -24.59 -35.25
CA SER A 237 7.23 -25.24 -36.53
C SER A 237 6.08 -24.49 -37.20
N PHE A 238 6.42 -23.61 -38.14
CA PHE A 238 5.45 -22.70 -38.72
C PHE A 238 5.47 -22.81 -40.25
N ASN A 239 4.48 -22.17 -40.87
CA ASN A 239 4.40 -22.18 -42.33
C ASN A 239 3.62 -21.00 -42.89
N GLY A 240 3.49 -19.89 -42.18
CA GLY A 240 2.78 -18.73 -42.67
C GLY A 240 2.04 -18.03 -41.55
N ALA A 241 1.72 -16.75 -41.80
CA ALA A 241 1.02 -15.89 -40.83
C ALA A 241 1.78 -15.87 -39.51
N PHE A 242 3.06 -15.51 -39.58
CA PHE A 242 3.96 -15.62 -38.45
C PHE A 242 4.70 -14.31 -38.20
N ILE A 243 4.62 -13.82 -36.97
CA ILE A 243 5.39 -12.68 -36.51
C ILE A 243 6.50 -13.24 -35.62
N ALA A 244 7.69 -13.38 -36.19
CA ALA A 244 8.79 -14.05 -35.50
C ALA A 244 9.47 -13.14 -34.49
N PRO A 245 9.94 -13.70 -33.38
CA PRO A 245 10.68 -12.89 -32.39
C PRO A 245 12.14 -12.72 -32.80
N ASP A 246 12.62 -11.48 -32.76
CA ASP A 246 14.03 -11.22 -33.00
C ASP A 246 14.85 -11.48 -31.74
N ARG A 247 14.44 -10.87 -30.63
CA ARG A 247 15.18 -10.95 -29.37
C ARG A 247 14.24 -11.43 -28.26
N ALA A 248 14.80 -12.17 -27.32
CA ALA A 248 14.10 -12.60 -26.12
C ALA A 248 14.42 -11.67 -24.96
N SER A 249 13.56 -11.70 -23.94
CA SER A 249 13.67 -10.82 -22.80
C SER A 249 14.06 -11.60 -21.55
N PHE A 250 14.79 -10.94 -20.65
CA PHE A 250 15.22 -11.50 -19.38
C PHE A 250 14.94 -10.52 -18.27
N LEU A 251 14.43 -11.01 -17.15
CA LEU A 251 14.08 -10.14 -16.04
C LEU A 251 15.35 -9.65 -15.33
N ARG A 252 15.38 -8.36 -15.01
CA ARG A 252 16.56 -7.78 -14.38
C ARG A 252 16.64 -8.13 -12.89
N GLY A 253 15.58 -7.84 -12.15
CA GLY A 253 15.57 -8.11 -10.72
C GLY A 253 14.20 -8.01 -10.09
N LYS A 254 14.02 -7.03 -9.21
CA LYS A 254 12.79 -6.85 -8.45
C LYS A 254 12.36 -5.40 -8.51
N SER A 255 11.05 -5.16 -8.61
CA SER A 255 10.50 -3.82 -8.60
C SER A 255 9.01 -3.91 -8.26
N MET A 256 8.31 -2.79 -8.43
CA MET A 256 6.90 -2.69 -8.15
C MET A 256 6.23 -1.84 -9.21
N GLY A 257 5.08 -2.29 -9.70
CA GLY A 257 4.35 -1.59 -10.74
C GLY A 257 3.08 -0.98 -10.20
N ILE A 258 2.82 0.27 -10.60
CA ILE A 258 1.62 1.00 -10.19
C ILE A 258 0.99 1.63 -11.43
N GLN A 259 -0.29 1.98 -11.29
CA GLN A 259 -1.01 2.76 -12.29
C GLN A 259 -1.47 4.06 -11.65
N SER A 260 -1.16 5.18 -12.29
CA SER A 260 -1.44 6.48 -11.69
C SER A 260 -1.59 7.53 -12.78
N GLY A 261 -2.27 8.61 -12.41
CA GLY A 261 -2.43 9.74 -13.32
C GLY A 261 -1.92 11.05 -12.74
N VAL A 262 -1.16 10.97 -11.65
CA VAL A 262 -0.58 12.15 -11.03
C VAL A 262 0.90 12.22 -11.37
N GLN A 263 1.54 13.32 -10.99
CA GLN A 263 2.88 13.65 -11.44
C GLN A 263 3.94 13.01 -10.56
N VAL A 264 5.07 12.68 -11.18
CA VAL A 264 6.21 12.16 -10.46
C VAL A 264 6.83 13.27 -9.61
N ASP A 265 7.34 12.90 -8.43
CA ASP A 265 7.97 13.89 -7.56
C ASP A 265 9.12 13.22 -6.80
N ALA A 266 10.33 13.73 -7.01
CA ALA A 266 11.51 13.23 -6.33
C ALA A 266 11.82 14.01 -5.06
N ASN A 267 10.87 14.78 -4.54
CA ASN A 267 11.09 15.55 -3.32
C ASN A 267 10.57 14.82 -2.08
N CYS A 268 9.51 14.04 -2.22
CA CYS A 268 8.94 13.29 -1.11
C CYS A 268 9.23 11.80 -1.29
N GLU A 269 9.34 11.10 -0.17
CA GLU A 269 9.58 9.67 -0.14
C GLU A 269 8.30 8.94 0.24
N GLY A 270 8.07 7.79 -0.40
CA GLY A 270 6.84 7.05 -0.14
C GLY A 270 6.98 5.59 -0.53
N ASP A 271 6.24 4.74 0.17
CA ASP A 271 6.20 3.32 -0.12
C ASP A 271 4.79 2.80 -0.41
N CYS A 272 3.76 3.61 -0.21
CA CYS A 272 2.37 3.23 -0.46
C CYS A 272 1.81 4.11 -1.57
N TYR A 273 1.45 3.50 -2.69
CA TYR A 273 1.00 4.24 -3.86
C TYR A 273 -0.39 3.81 -4.29
N HIS A 274 -1.14 4.77 -4.83
CA HIS A 274 -2.40 4.52 -5.51
C HIS A 274 -2.49 5.47 -6.70
N SER A 275 -3.57 5.35 -7.47
CA SER A 275 -3.67 6.12 -8.70
C SER A 275 -3.81 7.62 -8.44
N GLY A 276 -4.15 8.02 -7.22
CA GLY A 276 -4.34 9.42 -6.89
C GLY A 276 -3.14 10.10 -6.27
N GLY A 277 -2.19 9.31 -5.82
CA GLY A 277 -0.99 9.88 -5.26
C GLY A 277 -0.30 8.86 -4.34
N THR A 278 0.24 9.39 -3.24
CA THR A 278 1.04 8.62 -2.30
C THR A 278 0.49 8.82 -0.89
N ILE A 279 0.46 7.73 -0.12
CA ILE A 279 0.01 7.76 1.27
C ILE A 279 1.24 7.75 2.15
N ILE A 280 1.59 8.93 2.69
CA ILE A 280 2.74 9.08 3.58
C ILE A 280 2.16 9.14 5.00
N SER A 281 2.29 8.03 5.74
CA SER A 281 1.68 7.96 7.05
C SER A 281 2.36 6.87 7.87
N ASN A 282 2.25 7.01 9.19
CA ASN A 282 2.68 6.00 10.14
C ASN A 282 1.50 5.31 10.83
N LEU A 283 0.27 5.76 10.57
CA LEU A 283 -0.90 5.20 11.22
C LEU A 283 -1.16 3.78 10.71
N PRO A 284 -1.81 2.94 11.52
CA PRO A 284 -2.05 1.55 11.10
C PRO A 284 -3.19 1.38 10.11
N PHE A 285 -4.04 2.38 9.93
CA PHE A 285 -5.20 2.26 9.06
C PHE A 285 -5.24 3.43 8.08
N GLN A 286 -6.04 3.26 7.02
CA GLN A 286 -6.21 4.29 6.01
C GLN A 286 -7.59 4.14 5.38
N ASN A 287 -8.10 5.26 4.86
CA ASN A 287 -9.44 5.31 4.27
C ASN A 287 -9.38 6.16 3.00
N ILE A 288 -8.56 5.73 2.05
CA ILE A 288 -8.30 6.50 0.84
C ILE A 288 -8.54 5.64 -0.39
N ASP A 289 -7.93 4.47 -0.42
CA ASP A 289 -8.05 3.56 -1.56
C ASP A 289 -7.86 2.14 -1.07
N SER A 290 -8.85 1.27 -1.34
CA SER A 290 -8.73 -0.12 -0.94
C SER A 290 -7.79 -0.91 -1.84
N ARG A 291 -7.46 -0.39 -3.02
CA ARG A 291 -6.58 -1.06 -3.96
C ARG A 291 -5.16 -0.52 -3.92
N ALA A 292 -4.80 0.21 -2.86
CA ALA A 292 -3.45 0.74 -2.74
C ALA A 292 -2.44 -0.39 -2.67
N VAL A 293 -1.27 -0.18 -3.28
CA VAL A 293 -0.23 -1.18 -3.35
C VAL A 293 1.04 -0.63 -2.70
N GLY A 294 1.93 -1.55 -2.32
CA GLY A 294 3.14 -1.19 -1.63
C GLY A 294 3.10 -1.57 -0.16
N LYS A 295 3.78 -0.80 0.68
CA LYS A 295 3.77 -1.02 2.13
C LYS A 295 2.84 0.02 2.73
N CYS A 296 1.59 -0.38 2.94
CA CYS A 296 0.50 0.52 3.25
C CYS A 296 -0.10 0.22 4.61
N PRO A 297 -0.77 1.19 5.23
CA PRO A 297 -1.70 0.88 6.31
C PRO A 297 -2.89 0.12 5.76
N ARG A 298 -3.53 -0.65 6.63
CA ARG A 298 -4.66 -1.47 6.22
C ARG A 298 -5.89 -0.61 5.97
N TYR A 299 -6.54 -0.81 4.83
CA TYR A 299 -7.73 -0.05 4.51
C TYR A 299 -8.90 -0.49 5.38
N VAL A 300 -9.67 0.49 5.86
CA VAL A 300 -10.87 0.25 6.64
C VAL A 300 -11.99 1.13 6.10
N LYS A 301 -13.23 0.73 6.36
CA LYS A 301 -14.37 1.48 5.86
C LYS A 301 -14.56 2.78 6.65
N GLN A 302 -14.24 2.77 7.94
CA GLN A 302 -14.44 3.96 8.77
C GLN A 302 -13.52 5.08 8.34
N ARG A 303 -14.02 6.31 8.42
CA ARG A 303 -13.23 7.48 8.07
C ARG A 303 -12.46 8.05 9.26
N SER A 304 -12.81 7.67 10.48
CA SER A 304 -12.16 8.22 11.66
C SER A 304 -12.35 7.27 12.83
N LEU A 305 -11.25 7.00 13.55
CA LEU A 305 -11.28 6.17 14.76
C LEU A 305 -10.29 6.79 15.74
N LEU A 306 -10.82 7.46 16.76
CA LEU A 306 -10.02 8.30 17.65
C LEU A 306 -9.53 7.48 18.84
N LEU A 307 -8.21 7.44 19.02
CA LEU A 307 -7.59 6.79 20.16
C LEU A 307 -7.39 7.80 21.27
N ALA A 308 -7.82 7.46 22.48
CA ALA A 308 -7.67 8.35 23.63
C ALA A 308 -6.23 8.37 24.09
N THR A 309 -5.66 9.58 24.16
CA THR A 309 -4.33 9.79 24.72
C THR A 309 -4.37 10.52 26.06
N GLY A 310 -5.56 10.87 26.56
CA GLY A 310 -5.69 11.53 27.84
C GLY A 310 -6.69 10.84 28.75
N MET A 311 -6.96 11.41 29.91
CA MET A 311 -7.87 10.82 30.87
C MET A 311 -9.31 11.28 30.61
N LYS A 312 -10.23 10.79 31.43
CA LYS A 312 -11.61 11.24 31.37
C LYS A 312 -11.71 12.72 31.74
N ASN A 313 -12.47 13.47 30.95
CA ASN A 313 -12.60 14.91 31.12
C ASN A 313 -13.90 15.19 31.87
N VAL A 314 -13.78 15.56 33.14
CA VAL A 314 -14.92 15.92 33.98
C VAL A 314 -14.76 17.39 34.40
N PRO A 315 -15.44 18.30 33.72
CA PRO A 315 -15.32 19.72 34.04
C PRO A 315 -16.32 20.16 35.10
N GLU A 316 -16.10 21.38 35.59
CA GLU A 316 -16.98 21.97 36.60
C GLU A 316 -18.31 22.39 35.99
N ALA B 7 -11.27 9.94 38.99
CA ALA B 7 -12.28 10.49 38.11
C ALA B 7 -13.65 9.93 38.45
N GLY B 8 -13.77 9.36 39.65
CA GLY B 8 -14.99 8.75 40.15
C GLY B 8 -15.69 9.71 41.09
N PHE B 9 -15.43 9.60 42.40
CA PHE B 9 -16.05 10.48 43.37
C PHE B 9 -15.33 11.80 43.55
N ILE B 10 -14.19 11.99 42.87
CA ILE B 10 -13.60 13.32 42.73
C ILE B 10 -14.47 14.04 41.71
N GLU B 11 -15.49 14.76 42.20
CA GLU B 11 -16.65 15.09 41.38
C GLU B 11 -16.31 15.86 40.10
N ASN B 12 -15.17 16.53 40.05
CA ASN B 12 -14.76 17.20 38.82
C ASN B 12 -13.25 17.42 38.86
N GLY B 13 -12.71 17.86 37.72
CA GLY B 13 -11.31 18.14 37.58
C GLY B 13 -11.00 19.62 37.73
N TRP B 14 -9.74 19.92 37.94
CA TRP B 14 -9.26 21.30 38.15
C TRP B 14 -8.74 21.83 36.83
N GLU B 15 -9.57 22.63 36.14
CA GLU B 15 -9.20 23.15 34.83
C GLU B 15 -8.03 24.12 34.90
N GLY B 16 -7.71 24.65 36.07
CA GLY B 16 -6.56 25.51 36.23
C GLY B 16 -5.24 24.78 36.41
N LEU B 17 -5.30 23.48 36.69
CA LEU B 17 -4.08 22.68 36.87
C LEU B 17 -3.51 22.36 35.49
N ILE B 18 -2.85 23.36 34.91
CA ILE B 18 -2.19 23.21 33.61
C ILE B 18 -0.75 22.78 33.85
N ASP B 19 -0.45 22.38 35.09
CA ASP B 19 0.90 21.98 35.47
C ASP B 19 1.15 20.48 35.29
N GLY B 20 0.11 19.67 35.39
CA GLY B 20 0.27 18.24 35.22
C GLY B 20 -1.08 17.54 35.22
N TRP B 21 -1.03 16.21 35.37
CA TRP B 21 -2.26 15.43 35.38
C TRP B 21 -2.88 15.40 36.77
N TYR B 22 -2.08 15.11 37.79
CA TYR B 22 -2.54 15.02 39.17
C TYR B 22 -1.77 16.02 40.04
N GLY B 23 -2.46 16.57 41.03
CA GLY B 23 -1.84 17.56 41.88
C GLY B 23 -2.51 17.67 43.24
N PHE B 24 -1.84 18.40 44.13
CA PHE B 24 -2.33 18.67 45.46
C PHE B 24 -2.79 20.12 45.55
N ARG B 25 -3.97 20.33 46.13
CA ARG B 25 -4.51 21.66 46.37
C ARG B 25 -4.93 21.74 47.83
N HIS B 26 -4.22 22.53 48.63
CA HIS B 26 -4.42 22.59 50.06
C HIS B 26 -4.78 24.00 50.50
N GLN B 27 -5.45 24.07 51.66
CA GLN B 27 -5.79 25.35 52.29
C GLN B 27 -5.72 25.13 53.79
N ASN B 28 -4.65 25.62 54.42
CA ASN B 28 -4.43 25.44 55.85
C ASN B 28 -4.61 26.78 56.53
N ALA B 29 -3.53 27.47 56.91
CA ALA B 29 -3.64 28.78 57.53
C ALA B 29 -2.71 29.79 56.84
N GLN B 30 -1.63 29.28 56.23
CA GLN B 30 -0.64 30.13 55.59
C GLN B 30 -0.93 30.37 54.12
N GLY B 31 -2.20 30.32 53.72
CA GLY B 31 -2.59 30.66 52.36
C GLY B 31 -3.15 29.46 51.61
N GLU B 32 -2.93 29.44 50.30
CA GLU B 32 -3.46 28.44 49.40
C GLU B 32 -2.32 27.68 48.72
N GLY B 33 -2.65 26.53 48.16
CA GLY B 33 -1.65 25.72 47.48
C GLY B 33 -2.21 24.86 46.36
N THR B 34 -1.48 24.79 45.24
CA THR B 34 -1.88 23.95 44.11
C THR B 34 -0.62 23.63 43.31
N ALA B 35 -0.08 22.43 43.52
CA ALA B 35 1.15 22.00 42.86
C ALA B 35 1.00 20.57 42.36
N ALA B 36 1.40 20.32 41.12
CA ALA B 36 1.21 19.02 40.51
C ALA B 36 2.16 17.98 41.09
N ASP B 37 1.78 16.71 40.93
CA ASP B 37 2.61 15.58 41.32
C ASP B 37 3.25 14.98 40.09
N TYR B 38 4.55 14.67 40.17
CA TYR B 38 5.31 14.28 39.00
C TYR B 38 5.32 12.76 38.77
N LYS B 39 5.35 11.97 39.84
CA LYS B 39 5.55 10.53 39.69
C LYS B 39 4.35 9.87 39.03
N SER B 40 3.15 10.08 39.56
CA SER B 40 1.95 9.46 39.01
C SER B 40 1.69 9.96 37.59
N THR B 41 1.75 11.29 37.39
CA THR B 41 1.57 11.86 36.07
C THR B 41 2.53 11.24 35.06
N GLN B 42 3.80 11.12 35.44
CA GLN B 42 4.78 10.53 34.54
C GLN B 42 4.50 9.07 34.29
N SER B 43 3.96 8.34 35.28
CA SER B 43 3.61 6.95 35.07
C SER B 43 2.52 6.81 34.01
N ALA B 44 1.42 7.56 34.18
CA ALA B 44 0.34 7.51 33.20
C ALA B 44 0.82 7.96 31.82
N ILE B 45 1.64 9.01 31.77
CA ILE B 45 2.15 9.51 30.50
C ILE B 45 3.01 8.45 29.81
N ASP B 46 3.83 7.73 30.59
CA ASP B 46 4.66 6.69 30.00
C ASP B 46 3.83 5.51 29.52
N GLN B 47 2.74 5.18 30.21
CA GLN B 47 1.89 4.08 29.76
C GLN B 47 1.15 4.44 28.46
N ILE B 48 0.51 5.60 28.44
CA ILE B 48 -0.17 6.04 27.21
C ILE B 48 0.83 6.15 26.07
N THR B 49 2.03 6.67 26.36
CA THR B 49 3.09 6.73 25.36
C THR B 49 3.43 5.35 24.82
N GLY B 50 3.49 4.36 25.72
CA GLY B 50 3.72 2.99 25.27
C GLY B 50 2.65 2.50 24.32
N LYS B 51 1.38 2.74 24.67
CA LYS B 51 0.28 2.38 23.78
C LYS B 51 0.46 3.02 22.40
N LEU B 52 0.74 4.32 22.38
CA LEU B 52 0.87 5.04 21.11
C LEU B 52 2.01 4.48 20.28
N ASN B 53 3.19 4.30 20.90
CA ASN B 53 4.32 3.76 20.17
C ASN B 53 4.10 2.32 19.70
N ARG B 54 3.24 1.57 20.37
CA ARG B 54 2.96 0.21 19.92
C ARG B 54 1.96 0.18 18.77
N LEU B 55 0.94 1.05 18.81
CA LEU B 55 -0.08 1.01 17.77
C LEU B 55 0.40 1.67 16.48
N ILE B 56 1.13 2.77 16.57
CA ILE B 56 1.74 3.36 15.38
C ILE B 56 2.80 2.39 14.89
N GLU B 57 2.55 1.76 13.75
CA GLU B 57 3.42 0.69 13.27
C GLU B 57 3.34 0.61 11.75
N LYS B 58 4.49 0.41 11.12
CA LYS B 58 4.59 0.25 9.67
C LYS B 58 4.90 -1.22 9.38
N THR B 59 3.96 -1.88 8.71
CA THR B 59 4.15 -3.29 8.32
C THR B 59 5.11 -3.36 7.14
N ASN B 60 6.18 -4.15 7.28
CA ASN B 60 7.14 -4.34 6.21
C ASN B 60 6.62 -5.28 5.11
N GLN B 61 5.32 -5.62 5.17
CA GLN B 61 4.68 -6.48 4.18
C GLN B 61 4.24 -5.66 2.99
N GLN B 62 4.67 -6.06 1.80
CA GLN B 62 4.36 -5.35 0.56
C GLN B 62 3.35 -6.16 -0.24
N PHE B 63 2.29 -5.48 -0.68
CA PHE B 63 1.26 -6.08 -1.52
C PHE B 63 1.34 -5.49 -2.91
N GLU B 64 1.32 -6.36 -3.92
CA GLU B 64 1.39 -5.96 -5.32
C GLU B 64 -0.01 -5.80 -5.91
N LEU B 65 -0.07 -5.29 -7.13
CA LEU B 65 -1.33 -5.16 -7.83
C LEU B 65 -1.88 -6.53 -8.20
N ILE B 66 -3.21 -6.63 -8.25
CA ILE B 66 -3.86 -7.89 -8.61
C ILE B 66 -5.03 -7.58 -9.55
N ASP B 67 -5.52 -6.36 -9.51
CA ASP B 67 -6.58 -5.88 -10.37
C ASP B 67 -5.98 -5.17 -11.59
N ASN B 68 -6.78 -4.37 -12.28
CA ASN B 68 -6.29 -3.50 -13.34
C ASN B 68 -7.30 -2.37 -13.53
N GLU B 69 -6.86 -1.14 -13.27
CA GLU B 69 -7.76 0.00 -13.27
C GLU B 69 -8.05 0.51 -14.68
N PHE B 70 -7.12 0.31 -15.62
CA PHE B 70 -7.29 0.83 -16.98
C PHE B 70 -7.98 -0.18 -17.89
N ASN B 71 -7.62 -1.46 -17.81
CA ASN B 71 -8.19 -2.50 -18.65
C ASN B 71 -8.71 -3.62 -17.75
N GLU B 72 -10.03 -3.62 -17.54
CA GLU B 72 -10.65 -4.55 -16.59
C GLU B 72 -10.35 -6.00 -16.96
N VAL B 73 -10.00 -6.79 -15.95
CA VAL B 73 -9.66 -8.20 -16.14
C VAL B 73 -10.92 -9.01 -16.37
N GLU B 74 -10.77 -10.31 -16.59
CA GLU B 74 -11.91 -11.18 -16.85
C GLU B 74 -12.89 -11.12 -15.68
N LYS B 75 -14.18 -11.22 -16.00
CA LYS B 75 -15.22 -10.91 -15.02
C LYS B 75 -15.21 -11.90 -13.85
N GLN B 76 -14.98 -13.18 -14.12
CA GLN B 76 -15.04 -14.18 -13.05
C GLN B 76 -13.93 -13.95 -12.04
N ILE B 77 -12.68 -13.94 -12.50
CA ILE B 77 -11.55 -13.70 -11.61
C ILE B 77 -11.65 -12.32 -10.98
N GLY B 78 -12.25 -11.36 -11.69
CA GLY B 78 -12.44 -10.03 -11.12
C GLY B 78 -13.41 -10.04 -9.96
N ASN B 79 -14.48 -10.81 -10.07
CA ASN B 79 -15.45 -10.89 -8.98
C ASN B 79 -14.91 -11.71 -7.81
N VAL B 80 -14.06 -12.70 -8.07
CA VAL B 80 -13.39 -13.39 -6.98
C VAL B 80 -12.43 -12.44 -6.26
N ILE B 81 -11.69 -11.63 -7.01
CA ILE B 81 -10.76 -10.68 -6.39
C ILE B 81 -11.52 -9.65 -5.56
N ASN B 82 -12.56 -9.06 -6.14
CA ASN B 82 -13.38 -8.09 -5.40
C ASN B 82 -13.99 -8.72 -4.15
N TRP B 83 -14.46 -9.97 -4.28
CA TRP B 83 -15.02 -10.68 -3.14
C TRP B 83 -14.01 -10.79 -2.00
N THR B 84 -12.79 -11.25 -2.32
CA THR B 84 -11.75 -11.41 -1.30
C THR B 84 -11.39 -10.06 -0.68
N ARG B 85 -11.19 -9.04 -1.52
CA ARG B 85 -10.80 -7.73 -1.01
C ARG B 85 -11.85 -7.17 -0.07
N ASP B 86 -13.13 -7.33 -0.41
CA ASP B 86 -14.19 -6.85 0.47
C ASP B 86 -14.20 -7.63 1.78
N SER B 87 -13.96 -8.94 1.73
CA SER B 87 -13.89 -9.72 2.96
C SER B 87 -12.78 -9.21 3.88
N ILE B 88 -11.58 -9.02 3.32
CA ILE B 88 -10.45 -8.54 4.13
C ILE B 88 -10.75 -7.14 4.66
N THR B 89 -11.44 -6.32 3.86
CA THR B 89 -11.81 -4.99 4.33
C THR B 89 -12.74 -5.07 5.54
N GLU B 90 -13.72 -5.98 5.50
CA GLU B 90 -14.58 -6.21 6.66
C GLU B 90 -13.75 -6.60 7.88
N VAL B 91 -12.81 -7.53 7.70
CA VAL B 91 -12.00 -8.00 8.82
C VAL B 91 -11.21 -6.85 9.44
N TRP B 92 -10.55 -6.05 8.61
CA TRP B 92 -9.71 -4.97 9.15
C TRP B 92 -10.55 -3.86 9.77
N SER B 93 -11.75 -3.60 9.22
CA SER B 93 -12.64 -2.64 9.85
C SER B 93 -13.04 -3.09 11.24
N TYR B 94 -13.44 -4.37 11.37
CA TYR B 94 -13.75 -4.91 12.69
C TYR B 94 -12.57 -4.79 13.64
N ASN B 95 -11.38 -5.22 13.19
CA ASN B 95 -10.20 -5.16 14.05
C ASN B 95 -9.91 -3.74 14.52
N ALA B 96 -9.99 -2.77 13.61
CA ALA B 96 -9.74 -1.39 13.98
C ALA B 96 -10.74 -0.90 15.02
N GLU B 97 -12.03 -1.15 14.77
CA GLU B 97 -13.06 -0.72 15.71
C GLU B 97 -12.83 -1.29 17.10
N LEU B 98 -12.76 -2.62 17.20
CA LEU B 98 -12.60 -3.26 18.51
C LEU B 98 -11.31 -2.82 19.19
N LEU B 99 -10.22 -2.75 18.42
CA LEU B 99 -8.94 -2.32 18.99
C LEU B 99 -9.05 -0.93 19.63
N VAL B 100 -9.58 0.03 18.87
CA VAL B 100 -9.67 1.39 19.38
C VAL B 100 -10.55 1.44 20.64
N ALA B 101 -11.70 0.77 20.60
CA ALA B 101 -12.60 0.80 21.75
C ALA B 101 -11.93 0.21 22.99
N MET B 102 -11.33 -0.97 22.85
CA MET B 102 -10.67 -1.62 23.98
C MET B 102 -9.56 -0.75 24.54
N GLU B 103 -8.69 -0.22 23.66
CA GLU B 103 -7.59 0.62 24.13
C GLU B 103 -8.10 1.84 24.87
N ASN B 104 -9.19 2.45 24.38
CA ASN B 104 -9.75 3.61 25.08
C ASN B 104 -10.25 3.22 26.47
N GLN B 105 -10.97 2.10 26.57
CA GLN B 105 -11.44 1.63 27.88
C GLN B 105 -10.27 1.46 28.84
N HIS B 106 -9.23 0.72 28.42
CA HIS B 106 -8.10 0.48 29.31
C HIS B 106 -7.35 1.77 29.64
N THR B 107 -7.39 2.76 28.74
CA THR B 107 -6.75 4.03 29.02
C THR B 107 -7.49 4.79 30.13
N ILE B 108 -8.80 4.93 29.99
CA ILE B 108 -9.59 5.64 30.99
C ILE B 108 -9.46 4.95 32.35
N ASP B 109 -9.71 3.64 32.38
CA ASP B 109 -9.59 2.90 33.64
C ASP B 109 -8.17 2.96 34.18
N LEU B 110 -7.18 3.08 33.30
CA LEU B 110 -5.79 3.22 33.74
C LEU B 110 -5.59 4.53 34.49
N ALA B 111 -6.06 5.64 33.92
CA ALA B 111 -5.94 6.92 34.60
C ALA B 111 -6.66 6.91 35.95
N ASP B 112 -7.88 6.37 35.97
CA ASP B 112 -8.60 6.24 37.24
C ASP B 112 -7.79 5.45 38.25
N SER B 113 -7.15 4.36 37.80
CA SER B 113 -6.33 3.55 38.70
C SER B 113 -5.17 4.35 39.26
N GLU B 114 -4.49 5.13 38.42
CA GLU B 114 -3.35 5.93 38.90
C GLU B 114 -3.80 6.96 39.93
N MET B 115 -4.93 7.63 39.66
CA MET B 115 -5.48 8.56 40.65
C MET B 115 -5.73 7.85 41.97
N ASP B 116 -6.34 6.66 41.92
CA ASP B 116 -6.62 5.90 43.14
C ASP B 116 -5.33 5.55 43.89
N LYS B 117 -4.27 5.23 43.14
CA LYS B 117 -2.99 4.90 43.79
C LYS B 117 -2.41 6.10 44.51
N LEU B 118 -2.37 7.26 43.84
CA LEU B 118 -1.95 8.51 44.47
C LEU B 118 -2.72 8.75 45.77
N TYR B 119 -4.05 8.65 45.71
CA TYR B 119 -4.88 8.91 46.89
C TYR B 119 -4.54 7.94 48.01
N GLU B 120 -4.51 6.64 47.71
CA GLU B 120 -4.26 5.63 48.74
C GLU B 120 -2.90 5.82 49.38
N ARG B 121 -1.88 6.16 48.58
CA ARG B 121 -0.56 6.40 49.14
C ARG B 121 -0.56 7.59 50.08
N VAL B 122 -1.17 8.70 49.66
CA VAL B 122 -1.21 9.87 50.54
C VAL B 122 -1.98 9.55 51.82
N LYS B 123 -3.01 8.70 51.72
CA LYS B 123 -3.76 8.30 52.90
C LYS B 123 -2.87 7.50 53.87
N ARG B 124 -2.11 6.55 53.33
CA ARG B 124 -1.27 5.72 54.19
C ARG B 124 -0.03 6.46 54.70
N GLN B 125 0.33 7.58 54.06
CA GLN B 125 1.50 8.34 54.50
C GLN B 125 1.24 9.02 55.83
N LEU B 126 0.03 9.55 56.03
CA LEU B 126 -0.40 10.08 57.32
C LEU B 126 -1.32 9.05 57.95
N ARG B 127 -0.85 8.37 58.98
CA ARG B 127 -1.59 7.26 59.56
C ARG B 127 -2.83 7.35 60.45
N GLU B 128 -2.75 8.11 61.54
CA GLU B 128 -3.89 8.62 62.30
C GLU B 128 -3.83 10.14 62.47
N ASN B 129 -2.91 10.81 61.78
CA ASN B 129 -2.74 12.25 61.95
C ASN B 129 -3.89 13.06 61.34
N ALA B 130 -4.62 12.48 60.38
CA ALA B 130 -5.76 13.16 59.77
C ALA B 130 -6.86 12.13 59.53
N GLU B 131 -8.04 12.63 59.19
CA GLU B 131 -9.20 11.76 59.00
C GLU B 131 -9.83 12.00 57.64
N GLU B 132 -10.52 10.98 57.14
CA GLU B 132 -11.17 11.02 55.85
C GLU B 132 -12.48 11.78 55.93
N ASP B 133 -12.84 12.46 54.84
CA ASP B 133 -14.04 13.31 54.81
C ASP B 133 -15.12 12.76 53.88
N GLY B 134 -14.84 12.61 52.58
CA GLY B 134 -15.87 12.17 51.67
C GLY B 134 -15.57 12.29 50.19
N THR B 135 -14.89 13.36 49.78
CA THR B 135 -14.73 13.69 48.37
C THR B 135 -13.26 13.89 47.99
N GLY B 136 -12.39 13.00 48.47
CA GLY B 136 -11.00 13.05 48.07
C GLY B 136 -10.15 14.08 48.77
N CYS B 137 -10.56 14.54 49.95
CA CYS B 137 -9.77 15.45 50.77
C CYS B 137 -9.44 14.77 52.09
N PHE B 138 -8.47 15.33 52.80
CA PHE B 138 -8.03 14.81 54.09
C PHE B 138 -8.15 15.93 55.11
N GLU B 139 -9.05 15.75 56.08
CA GLU B 139 -9.23 16.73 57.15
C GLU B 139 -8.11 16.60 58.17
N ILE B 140 -7.30 17.65 58.30
CA ILE B 140 -6.21 17.66 59.26
C ILE B 140 -6.74 18.02 60.63
N PHE B 141 -6.28 17.28 61.65
CA PHE B 141 -6.61 17.58 63.03
C PHE B 141 -5.43 18.15 63.79
N HIS B 142 -4.36 18.50 63.09
CA HIS B 142 -3.31 19.36 63.62
C HIS B 142 -2.93 20.32 62.51
N LYS B 143 -2.89 21.62 62.83
CA LYS B 143 -2.68 22.62 61.80
C LYS B 143 -1.29 22.48 61.18
N CYS B 144 -1.27 22.11 59.90
CA CYS B 144 -0.05 21.77 59.18
C CYS B 144 0.31 22.93 58.26
N ASP B 145 1.46 23.55 58.51
CA ASP B 145 1.87 24.72 57.74
C ASP B 145 2.28 24.31 56.33
N ASP B 146 2.73 25.31 55.55
CA ASP B 146 3.03 25.06 54.14
C ASP B 146 4.20 24.10 53.97
N ASP B 147 5.25 24.26 54.78
CA ASP B 147 6.39 23.35 54.67
C ASP B 147 6.01 21.93 55.05
N CYS B 148 5.04 21.76 55.95
CA CYS B 148 4.55 20.43 56.27
C CYS B 148 3.74 19.84 55.12
N MET B 149 2.96 20.67 54.42
CA MET B 149 2.28 20.21 53.22
C MET B 149 3.28 19.77 52.17
N ALA B 150 4.35 20.55 51.98
CA ALA B 150 5.42 20.15 51.07
C ALA B 150 6.11 18.87 51.55
N SER B 151 6.13 18.63 52.86
CA SER B 151 6.63 17.36 53.36
C SER B 151 5.69 16.21 53.01
N ILE B 152 4.38 16.49 52.93
CA ILE B 152 3.44 15.49 52.46
C ILE B 152 3.65 15.21 50.98
N ARG B 153 3.93 16.25 50.20
CA ARG B 153 4.02 16.10 48.74
C ARG B 153 5.19 15.21 48.35
N ASN B 154 6.41 15.57 48.76
CA ASN B 154 7.58 14.78 48.40
C ASN B 154 7.79 13.55 49.28
N ASN B 155 6.73 13.08 49.94
CA ASN B 155 6.74 11.82 50.69
C ASN B 155 7.81 11.81 51.78
N THR B 156 7.79 12.86 52.61
CA THR B 156 8.68 12.94 53.76
C THR B 156 7.96 13.30 55.05
N TYR B 157 6.64 13.46 55.02
CA TYR B 157 5.88 13.74 56.24
C TYR B 157 5.99 12.58 57.21
N ASP B 158 6.23 12.90 58.47
CA ASP B 158 6.46 11.88 59.48
C ASP B 158 5.14 11.34 60.03
N HIS B 159 5.10 10.03 60.26
CA HIS B 159 3.88 9.32 60.64
C HIS B 159 3.69 9.23 62.15
N SER B 160 4.49 9.94 62.94
CA SER B 160 4.40 9.81 64.39
C SER B 160 4.84 11.08 65.12
N LYS B 161 5.64 11.91 64.46
CA LYS B 161 6.13 13.13 65.10
C LYS B 161 5.07 14.21 65.21
N TYR B 162 3.87 13.97 64.67
CA TYR B 162 2.71 14.83 64.92
C TYR B 162 1.53 14.02 65.45
N ARG B 163 1.79 12.82 65.98
CA ARG B 163 0.72 11.86 66.25
C ARG B 163 -0.30 12.01 67.36
N GLU B 164 0.16 12.13 68.61
CA GLU B 164 -0.77 12.32 69.72
C GLU B 164 -1.38 13.71 69.73
N GLU B 165 -0.63 14.72 69.25
CA GLU B 165 -1.17 16.08 69.15
C GLU B 165 -2.48 16.09 68.35
N ALA B 166 -2.48 15.43 67.19
CA ALA B 166 -3.70 15.31 66.40
C ALA B 166 -4.61 14.19 66.89
N MET B 167 -4.07 13.25 67.66
CA MET B 167 -4.88 12.15 68.19
C MET B 167 -5.89 12.66 69.21
N GLN B 168 -5.46 13.55 70.11
CA GLN B 168 -6.38 14.07 71.12
C GLN B 168 -7.49 14.93 70.52
N ASN B 169 -7.40 15.27 69.24
CA ASN B 169 -8.40 16.12 68.59
C ASN B 169 -9.32 15.28 67.70
C1 NAG C . -2.40 15.49 22.07
C2 NAG C . -1.03 16.01 22.53
C3 NAG C . -0.18 16.43 21.33
C4 NAG C . -0.10 15.30 20.31
C5 NAG C . -1.50 14.84 19.93
C6 NAG C . -1.49 13.65 18.99
C7 NAG C . -1.42 16.96 24.76
C8 NAG C . -1.55 18.21 25.56
N2 NAG C . -1.18 17.12 23.45
O3 NAG C . 1.12 16.77 21.77
O4 NAG C . 0.59 15.74 19.15
O5 NAG C . -2.21 14.43 21.10
O6 NAG C . -0.91 13.97 17.73
O7 NAG C . -1.53 15.84 25.26
C1 NAG D . 23.27 -25.86 -18.25
C2 NAG D . 23.79 -26.44 -16.94
C3 NAG D . 25.29 -26.16 -16.80
C4 NAG D . 26.03 -26.66 -18.02
C5 NAG D . 25.43 -26.09 -19.29
C6 NAG D . 26.04 -26.64 -20.56
C7 NAG D . 21.94 -26.43 -15.31
C8 NAG D . 21.32 -25.74 -14.14
N2 NAG D . 23.06 -25.88 -15.80
O3 NAG D . 25.78 -26.80 -15.62
O4 NAG D . 27.40 -26.29 -17.94
O5 NAG D . 24.02 -26.39 -19.34
O6 NAG D . 27.26 -27.30 -20.29
O7 NAG D . 21.46 -27.45 -15.79
C1 NAG E . -14.53 -4.56 -8.66
C2 NAG E . -15.36 -4.53 -9.96
C3 NAG E . -15.06 -3.27 -10.76
C4 NAG E . -15.24 -2.03 -9.90
C5 NAG E . -14.39 -2.15 -8.64
C6 NAG E . -14.59 -1.00 -7.68
C7 NAG E . -15.98 -6.25 -11.60
C8 NAG E . -15.53 -7.48 -12.34
N2 NAG E . -15.09 -5.72 -10.75
O3 NAG E . -15.92 -3.21 -11.89
O4 NAG E . -14.85 -0.86 -10.61
O5 NAG E . -14.76 -3.33 -7.93
O6 NAG E . -13.57 -0.97 -6.68
O7 NAG E . -17.09 -5.77 -11.76
#